data_2O2G
#
_entry.id   2O2G
#
_cell.length_a   47.895
_cell.length_b   62.465
_cell.length_c   67.998
_cell.angle_alpha   90.00
_cell.angle_beta   90.00
_cell.angle_gamma   90.00
#
_symmetry.space_group_name_H-M   'P 21 21 21'
#
loop_
_entity.id
_entity.type
_entity.pdbx_description
1 polymer 'Dienelactone hydrolase'
2 non-polymer 'SULFATE ION'
3 non-polymer 1,2-ETHANEDIOL
4 water water
#
_entity_poly.entity_id   1
_entity_poly.type   'polypeptide(L)'
_entity_poly.pdbx_seq_one_letter_code
;G(MSE)DRTLTHQPQEYAVSVSVGEVKLKGNLVIPNGATGIVLFAHGSGSSRYSPRNRYVAEVLQQAGLATLLIDLLTQE
EEEIDLRTRHLRFDIGLLASRLVGATDWLTHNPDTQHLKVGYFGASTGGGAALVAAAERPETVQAVVSRGGRPDLAPSAL
PHVKAPTLLIVGGYDLPVIA(MSE)NEDALEQLQTSKRLVIIPRASHLFEEPGALTAVAQLASEWF(MSE)HYLR
;
_entity_poly.pdbx_strand_id   A
#
# COMPACT_ATOMS: atom_id res chain seq x y z
N HIS A 8 -19.32 17.21 6.98
CA HIS A 8 -20.11 16.14 6.31
C HIS A 8 -19.20 15.07 5.72
N GLN A 9 -18.98 15.14 4.40
CA GLN A 9 -18.10 14.18 3.70
C GLN A 9 -16.66 14.55 4.03
N PRO A 10 -15.78 13.55 4.14
CA PRO A 10 -14.42 13.84 4.57
C PRO A 10 -13.61 14.67 3.54
N GLN A 11 -12.75 15.52 4.03
CA GLN A 11 -11.98 16.42 3.20
C GLN A 11 -10.64 15.83 2.78
N GLU A 12 -10.18 16.25 1.62
CA GLU A 12 -8.94 15.76 1.05
C GLU A 12 -7.89 16.88 1.27
N TYR A 13 -6.79 16.55 1.94
CA TYR A 13 -5.73 17.48 2.22
C TYR A 13 -4.50 17.20 1.40
N ALA A 14 -4.00 18.24 0.74
CA ALA A 14 -2.75 18.16 -0.01
C ALA A 14 -1.61 18.38 0.97
N VAL A 15 -0.90 17.31 1.33
CA VAL A 15 0.17 17.38 2.30
C VAL A 15 1.57 17.23 1.68
N SER A 16 2.58 17.77 2.37
CA SER A 16 3.98 17.58 2.01
C SER A 16 4.58 16.71 3.11
N VAL A 17 4.93 15.48 2.74
CA VAL A 17 5.49 14.45 3.61
C VAL A 17 7.04 14.48 3.54
N SER A 18 7.67 14.92 4.62
CA SER A 18 9.12 15.00 4.70
C SER A 18 9.73 13.63 5.06
N VAL A 19 10.69 13.22 4.27
CA VAL A 19 11.40 11.96 4.46
C VAL A 19 12.84 12.34 4.27
N GLY A 20 13.51 12.65 5.36
CA GLY A 20 14.89 13.07 5.28
C GLY A 20 14.99 14.31 4.43
N GLU A 21 15.83 14.22 3.41
CA GLU A 21 16.10 15.35 2.54
C GLU A 21 15.01 15.61 1.51
N VAL A 22 14.11 14.64 1.28
CA VAL A 22 13.04 14.84 0.28
C VAL A 22 11.66 15.14 0.86
N LYS A 23 10.83 15.77 0.02
CA LYS A 23 9.44 16.09 0.30
C LYS A 23 8.62 15.33 -0.75
N LEU A 24 7.62 14.60 -0.29
CA LEU A 24 6.75 13.78 -1.14
C LEU A 24 5.34 14.28 -1.04
N LYS A 25 4.67 14.42 -2.19
CA LYS A 25 3.32 14.93 -2.22
C LYS A 25 2.36 13.83 -1.80
N GLY A 26 1.36 14.25 -1.04
CA GLY A 26 0.39 13.34 -0.54
C GLY A 26 -1.01 13.88 -0.52
N ASN A 27 -1.96 12.95 -0.46
CA ASN A 27 -3.35 13.35 -0.37
CA ASN A 27 -3.37 13.28 -0.37
C ASN A 27 -3.86 12.56 0.87
N LEU A 28 -4.16 13.32 1.93
CA LEU A 28 -4.61 12.78 3.20
C LEU A 28 -6.09 13.00 3.42
N VAL A 29 -6.78 11.92 3.74
CA VAL A 29 -8.21 12.02 4.11
C VAL A 29 -8.40 11.30 5.44
N ILE A 30 -9.07 11.95 6.40
CA ILE A 30 -9.29 11.32 7.73
C ILE A 30 -10.74 11.43 8.11
N PRO A 31 -11.55 10.39 7.84
CA PRO A 31 -12.95 10.57 8.26
C PRO A 31 -13.11 10.73 9.77
N ASN A 32 -14.20 11.37 10.18
CA ASN A 32 -14.48 11.57 11.60
CA ASN A 32 -14.46 11.58 11.60
C ASN A 32 -14.52 10.23 12.31
N GLY A 33 -13.93 10.16 13.49
CA GLY A 33 -13.91 8.92 14.26
C GLY A 33 -12.98 7.84 13.76
N ALA A 34 -12.10 8.14 12.80
CA ALA A 34 -11.20 7.11 12.28
C ALA A 34 -10.16 6.67 13.32
N THR A 35 -9.87 5.38 13.30
CA THR A 35 -8.88 4.75 14.15
C THR A 35 -7.69 4.14 13.35
N GLY A 36 -7.89 3.84 12.07
CA GLY A 36 -6.84 3.27 11.23
C GLY A 36 -6.54 4.16 10.05
N ILE A 37 -5.31 4.08 9.54
CA ILE A 37 -4.96 4.79 8.33
C ILE A 37 -4.21 3.83 7.40
N VAL A 38 -4.61 3.88 6.13
CA VAL A 38 -4.00 3.06 5.11
C VAL A 38 -3.07 3.90 4.21
N LEU A 39 -1.80 3.59 4.26
CA LEU A 39 -0.81 4.22 3.42
C LEU A 39 -0.67 3.39 2.15
N PHE A 40 -0.83 4.04 0.99
CA PHE A 40 -0.77 3.39 -0.32
C PHE A 40 0.58 3.46 -1.01
N ALA A 41 1.15 2.32 -1.41
CA ALA A 41 2.37 2.23 -2.21
C ALA A 41 1.88 1.97 -3.62
N HIS A 42 2.06 2.94 -4.51
CA HIS A 42 1.59 2.84 -5.88
C HIS A 42 2.55 1.97 -6.66
N GLY A 43 2.11 1.51 -7.82
CA GLY A 43 3.00 0.69 -8.69
C GLY A 43 4.00 1.53 -9.45
N SER A 44 4.91 0.84 -10.14
CA SER A 44 6.01 1.49 -10.83
C SER A 44 5.50 2.36 -11.95
N GLY A 45 5.93 3.60 -11.97
CA GLY A 45 5.50 4.55 -13.02
C GLY A 45 4.20 5.25 -12.69
N SER A 46 3.59 4.92 -11.55
CA SER A 46 2.30 5.50 -11.17
C SER A 46 2.49 6.67 -10.18
N SER A 47 1.38 7.12 -9.59
CA SER A 47 1.42 8.26 -8.69
C SER A 47 0.29 8.19 -7.69
N ARG A 48 0.19 9.21 -6.85
CA ARG A 48 -0.86 9.31 -5.88
C ARG A 48 -2.20 9.55 -6.58
N TYR A 49 -2.17 9.91 -7.84
CA TYR A 49 -3.39 10.09 -8.63
C TYR A 49 -3.90 8.83 -9.27
N SER A 50 -3.21 7.70 -9.08
CA SER A 50 -3.69 6.42 -9.64
C SER A 50 -5.19 6.32 -9.49
N PRO A 51 -5.93 6.13 -10.60
CA PRO A 51 -7.42 5.97 -10.48
C PRO A 51 -7.79 4.68 -9.73
N ARG A 52 -6.94 3.68 -9.83
CA ARG A 52 -7.16 2.43 -9.12
C ARG A 52 -7.04 2.58 -7.62
N ASN A 53 -5.96 3.22 -7.19
CA ASN A 53 -5.75 3.46 -5.78
C ASN A 53 -6.74 4.53 -5.24
N ARG A 54 -7.11 5.51 -6.05
CA ARG A 54 -8.09 6.50 -5.61
C ARG A 54 -9.48 5.84 -5.38
N TYR A 55 -9.88 4.97 -6.31
CA TYR A 55 -11.13 4.20 -6.14
C TYR A 55 -11.09 3.39 -4.85
N VAL A 56 -10.03 2.58 -4.67
CA VAL A 56 -9.93 1.81 -3.44
C VAL A 56 -9.97 2.74 -2.20
N ALA A 57 -9.26 3.87 -2.25
CA ALA A 57 -9.18 4.79 -1.15
C ALA A 57 -10.55 5.30 -0.77
N GLU A 58 -11.36 5.63 -1.78
CA GLU A 58 -12.72 6.12 -1.56
C GLU A 58 -13.58 5.05 -0.92
N VAL A 59 -13.29 3.79 -1.21
CA VAL A 59 -14.05 2.68 -0.59
C VAL A 59 -13.66 2.54 0.88
N LEU A 60 -12.35 2.62 1.18
CA LEU A 60 -11.86 2.56 2.55
C LEU A 60 -12.41 3.75 3.36
N GLN A 61 -12.34 4.94 2.79
CA GLN A 61 -12.88 6.14 3.47
C GLN A 61 -14.36 5.95 3.85
N GLN A 62 -15.15 5.41 2.92
CA GLN A 62 -16.56 5.15 3.13
C GLN A 62 -16.81 4.17 4.29
N ALA A 63 -15.87 3.26 4.53
CA ALA A 63 -15.98 2.34 5.64
C ALA A 63 -15.48 3.00 6.93
N GLY A 64 -14.89 4.20 6.84
CA GLY A 64 -14.41 4.95 8.02
C GLY A 64 -12.91 4.90 8.29
N LEU A 65 -12.12 4.46 7.30
CA LEU A 65 -10.68 4.42 7.39
C LEU A 65 -10.06 5.65 6.77
N ALA A 66 -9.03 6.16 7.44
CA ALA A 66 -8.23 7.26 6.93
C ALA A 66 -7.37 6.69 5.83
N THR A 67 -6.95 7.57 4.91
CA THR A 67 -6.04 7.16 3.81
C THR A 67 -4.97 8.23 3.49
N LEU A 68 -3.79 7.77 3.12
CA LEU A 68 -2.70 8.61 2.60
C LEU A 68 -2.20 8.02 1.29
N LEU A 69 -2.54 8.70 0.19
CA LEU A 69 -2.10 8.36 -1.13
C LEU A 69 -0.90 9.25 -1.34
N ILE A 70 0.26 8.65 -1.56
CA ILE A 70 1.52 9.35 -1.69
C ILE A 70 2.32 9.06 -2.96
N ASP A 71 3.11 10.03 -3.40
CA ASP A 71 4.05 9.79 -4.45
C ASP A 71 5.30 9.30 -3.72
N LEU A 72 5.78 8.11 -4.06
CA LEU A 72 6.99 7.61 -3.44
C LEU A 72 8.23 8.31 -3.98
N LEU A 73 8.12 8.91 -5.15
CA LEU A 73 9.24 9.66 -5.69
C LEU A 73 8.90 11.15 -5.65
N THR A 74 9.95 11.98 -5.62
CA THR A 74 9.74 13.42 -5.67
C THR A 74 9.33 13.77 -7.08
N GLN A 75 8.75 14.94 -7.21
CA GLN A 75 8.36 15.48 -8.50
C GLN A 75 9.56 15.48 -9.49
N GLU A 76 10.71 15.90 -8.98
CA GLU A 76 11.96 15.98 -9.76
C GLU A 76 12.38 14.57 -10.22
N GLU A 77 12.43 13.66 -9.27
CA GLU A 77 12.73 12.26 -9.58
C GLU A 77 11.76 11.67 -10.62
N GLU A 78 10.47 11.96 -10.50
CA GLU A 78 9.47 11.45 -11.44
C GLU A 78 9.80 11.91 -12.85
N GLU A 79 10.17 13.17 -13.03
CA GLU A 79 10.57 13.66 -14.36
C GLU A 79 11.79 12.93 -14.95
N ILE A 80 12.77 12.61 -14.10
CA ILE A 80 14.00 11.95 -14.62
C ILE A 80 13.70 10.49 -14.91
N ASP A 81 13.00 9.85 -13.96
CA ASP A 81 12.64 8.43 -14.03
C ASP A 81 11.72 8.13 -15.20
N LEU A 82 10.96 9.11 -15.64
CA LEU A 82 10.08 8.94 -16.79
C LEU A 82 10.94 8.53 -18.00
N ARG A 83 12.19 8.99 -18.08
CA ARG A 83 13.08 8.58 -19.18
C ARG A 83 14.04 7.45 -18.82
N THR A 84 14.59 7.46 -17.62
CA THR A 84 15.59 6.47 -17.23
C THR A 84 15.01 5.18 -16.66
N ARG A 85 13.87 5.27 -15.99
CA ARG A 85 13.31 4.16 -15.20
C ARG A 85 14.33 3.64 -14.17
N HIS A 86 15.25 4.49 -13.72
CA HIS A 86 16.32 4.03 -12.82
C HIS A 86 15.89 4.00 -11.34
N LEU A 87 14.72 4.55 -11.04
CA LEU A 87 14.18 4.60 -9.67
C LEU A 87 12.92 3.79 -9.44
N ARG A 88 12.07 3.70 -10.45
CA ARG A 88 10.75 3.07 -10.28
C ARG A 88 10.75 1.56 -9.90
N PHE A 89 11.83 0.83 -10.14
CA PHE A 89 11.84 -0.58 -9.75
C PHE A 89 12.80 -0.82 -8.57
N ASP A 90 13.30 0.26 -7.96
CA ASP A 90 14.29 0.15 -6.86
C ASP A 90 13.54 -0.11 -5.57
N ILE A 91 13.39 -1.38 -5.26
CA ILE A 91 12.52 -1.75 -4.12
C ILE A 91 13.08 -1.24 -2.79
N GLY A 92 14.39 -1.12 -2.69
CA GLY A 92 15.02 -0.66 -1.45
C GLY A 92 14.66 0.79 -1.19
N LEU A 93 14.78 1.60 -2.24
CA LEU A 93 14.43 3.00 -2.16
C LEU A 93 12.94 3.16 -1.88
N LEU A 94 12.10 2.47 -2.62
CA LEU A 94 10.66 2.66 -2.48
C LEU A 94 10.26 2.29 -1.06
N ALA A 95 10.84 1.22 -0.52
CA ALA A 95 10.50 0.82 0.85
C ALA A 95 10.98 1.85 1.87
N SER A 96 12.12 2.46 1.59
CA SER A 96 12.62 3.45 2.52
C SER A 96 11.68 4.64 2.49
N ARG A 97 11.15 4.97 1.33
CA ARG A 97 10.23 6.11 1.22
C ARG A 97 8.97 5.84 1.98
N LEU A 98 8.49 4.61 1.90
CA LEU A 98 7.28 4.19 2.64
C LEU A 98 7.54 4.21 4.17
N VAL A 99 8.72 3.74 4.57
CA VAL A 99 9.12 3.78 6.00
C VAL A 99 9.09 5.26 6.45
N GLY A 100 9.66 6.15 5.62
CA GLY A 100 9.69 7.60 5.89
C GLY A 100 8.29 8.19 6.05
N ALA A 101 7.39 7.86 5.13
CA ALA A 101 5.98 8.28 5.25
C ALA A 101 5.28 7.73 6.48
N THR A 102 5.63 6.51 6.89
CA THR A 102 5.07 5.88 8.10
C THR A 102 5.49 6.71 9.34
N ASP A 103 6.78 7.01 9.42
CA ASP A 103 7.32 7.82 10.51
C ASP A 103 6.66 9.22 10.56
N TRP A 104 6.39 9.78 9.39
CA TRP A 104 5.72 11.09 9.31
C TRP A 104 4.33 11.00 9.92
N LEU A 105 3.59 9.96 9.55
CA LEU A 105 2.27 9.70 10.14
C LEU A 105 2.38 9.49 11.66
N THR A 106 3.41 8.77 12.09
CA THR A 106 3.61 8.52 13.50
C THR A 106 3.82 9.79 14.33
N HIS A 107 4.57 10.72 13.79
CA HIS A 107 4.99 11.93 14.46
C HIS A 107 4.19 13.20 14.18
N ASN A 108 3.17 13.09 13.33
CA ASN A 108 2.28 14.20 13.02
C ASN A 108 1.12 14.22 14.02
N PRO A 109 0.90 15.35 14.72
CA PRO A 109 -0.21 15.32 15.71
C PRO A 109 -1.58 15.01 15.14
N ASP A 110 -1.83 15.34 13.87
CA ASP A 110 -3.13 15.05 13.23
C ASP A 110 -3.37 13.55 12.98
N THR A 111 -2.30 12.77 12.87
CA THR A 111 -2.44 11.34 12.59
C THR A 111 -1.79 10.37 13.57
N GLN A 112 -1.13 10.90 14.60
CA GLN A 112 -0.37 10.06 15.55
C GLN A 112 -1.15 8.93 16.22
N HIS A 113 -2.45 9.15 16.38
CA HIS A 113 -3.34 8.18 16.98
C HIS A 113 -3.81 7.09 16.02
N LEU A 114 -3.51 7.23 14.71
CA LEU A 114 -4.02 6.27 13.76
C LEU A 114 -3.16 5.02 13.59
N LYS A 115 -3.81 3.86 13.52
CA LYS A 115 -3.07 2.59 13.28
C LYS A 115 -2.75 2.45 11.80
N VAL A 116 -1.46 2.34 11.51
CA VAL A 116 -1.02 2.29 10.13
C VAL A 116 -1.12 0.92 9.50
N GLY A 117 -1.69 0.90 8.30
CA GLY A 117 -1.72 -0.29 7.45
C GLY A 117 -1.19 0.10 6.07
N TYR A 118 -0.74 -0.88 5.29
CA TYR A 118 -0.24 -0.59 3.95
C TYR A 118 -1.06 -1.29 2.88
N PHE A 119 -1.29 -0.54 1.80
CA PHE A 119 -1.94 -1.08 0.61
C PHE A 119 -0.94 -0.91 -0.48
N GLY A 120 -0.31 -2.01 -0.91
CA GLY A 120 0.72 -1.94 -1.92
C GLY A 120 0.21 -2.49 -3.23
N ALA A 121 0.34 -1.70 -4.31
CA ALA A 121 -0.17 -2.08 -5.63
C ALA A 121 0.97 -2.51 -6.56
N SER A 122 0.78 -3.67 -7.18
CA SER A 122 1.76 -4.19 -8.13
CA SER A 122 1.76 -4.21 -8.14
C SER A 122 3.17 -4.18 -7.50
N THR A 123 4.15 -3.47 -8.08
CA THR A 123 5.49 -3.41 -7.45
C THR A 123 5.48 -2.81 -6.00
N GLY A 124 4.46 -2.01 -5.68
CA GLY A 124 4.28 -1.48 -4.33
C GLY A 124 4.10 -2.55 -3.25
N GLY A 125 3.53 -3.69 -3.64
CA GLY A 125 3.33 -4.82 -2.73
C GLY A 125 4.61 -5.25 -2.05
N GLY A 126 5.63 -5.57 -2.86
CA GLY A 126 6.92 -5.94 -2.32
C GLY A 126 7.52 -4.85 -1.44
N ALA A 127 7.39 -3.60 -1.89
CA ALA A 127 7.94 -2.48 -1.16
C ALA A 127 7.27 -2.35 0.21
N ALA A 128 5.95 -2.59 0.24
CA ALA A 128 5.15 -2.56 1.45
C ALA A 128 5.62 -3.60 2.43
N LEU A 129 5.89 -4.82 1.94
CA LEU A 129 6.33 -5.89 2.82
C LEU A 129 7.72 -5.59 3.36
N VAL A 130 8.61 -5.02 2.54
CA VAL A 130 9.97 -4.72 3.01
C VAL A 130 9.91 -3.64 4.10
N ALA A 131 9.06 -2.63 3.88
CA ALA A 131 8.87 -1.58 4.87
C ALA A 131 8.24 -2.09 6.19
N ALA A 132 7.25 -2.96 6.09
CA ALA A 132 6.56 -3.53 7.24
C ALA A 132 7.53 -4.28 8.16
N ALA A 133 8.47 -5.00 7.57
CA ALA A 133 9.50 -5.73 8.32
C ALA A 133 10.42 -4.77 9.08
N GLU A 134 10.57 -3.53 8.57
CA GLU A 134 11.35 -2.46 9.24
C GLU A 134 10.59 -1.69 10.35
N ARG A 135 9.27 -1.81 10.40
CA ARG A 135 8.47 -1.15 11.45
C ARG A 135 7.46 -2.13 12.06
N PRO A 136 7.95 -3.19 12.73
CA PRO A 136 7.06 -4.25 13.24
C PRO A 136 6.04 -3.87 14.31
N GLU A 137 6.34 -2.87 15.12
CA GLU A 137 5.39 -2.48 16.15
C GLU A 137 4.40 -1.45 15.63
N THR A 138 4.73 -0.76 14.54
CA THR A 138 3.93 0.33 14.01
C THR A 138 2.93 -0.10 12.94
N VAL A 139 3.33 -1.01 12.04
CA VAL A 139 2.48 -1.39 10.92
C VAL A 139 1.66 -2.59 11.35
N GLN A 140 0.35 -2.41 11.33
CA GLN A 140 -0.63 -3.40 11.83
C GLN A 140 -1.34 -4.25 10.80
N ALA A 141 -1.12 -3.98 9.52
CA ALA A 141 -1.73 -4.76 8.44
C ALA A 141 -1.15 -4.37 7.08
N VAL A 142 -1.13 -5.34 6.19
CA VAL A 142 -0.65 -5.12 4.83
C VAL A 142 -1.55 -5.88 3.85
N VAL A 143 -1.89 -5.24 2.75
CA VAL A 143 -2.63 -5.86 1.65
C VAL A 143 -1.75 -5.63 0.41
N SER A 144 -1.47 -6.69 -0.34
CA SER A 144 -0.68 -6.61 -1.55
C SER A 144 -1.60 -6.95 -2.72
N ARG A 145 -1.78 -5.99 -3.64
CA ARG A 145 -2.66 -6.19 -4.82
C ARG A 145 -1.83 -6.53 -6.05
N GLY A 146 -1.88 -7.81 -6.44
CA GLY A 146 -1.15 -8.25 -7.62
C GLY A 146 0.34 -7.97 -7.56
N GLY A 147 0.96 -8.25 -6.42
CA GLY A 147 2.38 -7.99 -6.28
C GLY A 147 3.29 -9.17 -6.55
N ARG A 148 4.58 -8.92 -6.39
CA ARG A 148 5.63 -9.98 -6.47
C ARG A 148 6.39 -9.95 -5.13
N PRO A 149 5.70 -10.34 -4.04
CA PRO A 149 6.26 -10.43 -2.68
C PRO A 149 7.41 -11.44 -2.62
N ASP A 150 7.32 -12.47 -3.43
CA ASP A 150 8.35 -13.50 -3.48
C ASP A 150 9.70 -12.89 -3.79
N LEU A 151 9.71 -11.70 -4.39
CA LEU A 151 10.97 -11.03 -4.73
C LEU A 151 11.52 -10.15 -3.61
N ALA A 152 11.05 -10.36 -2.38
CA ALA A 152 11.52 -9.65 -1.17
C ALA A 152 11.69 -10.73 -0.10
N PRO A 153 12.46 -11.79 -0.41
CA PRO A 153 12.47 -12.96 0.46
C PRO A 153 13.09 -12.78 1.83
N SER A 154 14.03 -11.84 1.97
CA SER A 154 14.65 -11.61 3.28
C SER A 154 13.67 -10.93 4.23
N ALA A 155 12.83 -10.06 3.69
CA ALA A 155 11.82 -9.39 4.51
C ALA A 155 10.68 -10.27 4.92
N LEU A 156 10.27 -11.21 4.05
CA LEU A 156 9.04 -11.96 4.29
C LEU A 156 8.86 -12.61 5.68
N PRO A 157 9.82 -13.43 6.10
CA PRO A 157 9.66 -14.05 7.44
C PRO A 157 9.75 -13.08 8.66
N HIS A 158 10.13 -11.82 8.44
CA HIS A 158 10.20 -10.85 9.52
C HIS A 158 8.96 -10.00 9.61
N VAL A 159 8.12 -10.05 8.59
CA VAL A 159 6.88 -9.27 8.59
C VAL A 159 6.02 -9.76 9.75
N LYS A 160 5.60 -8.82 10.59
CA LYS A 160 4.75 -9.11 11.75
C LYS A 160 3.30 -8.66 11.53
N ALA A 161 3.09 -7.82 10.52
CA ALA A 161 1.78 -7.28 10.19
C ALA A 161 0.93 -8.31 9.45
N PRO A 162 -0.29 -8.62 9.96
CA PRO A 162 -1.17 -9.54 9.21
C PRO A 162 -1.34 -9.10 7.75
N THR A 163 -1.03 -10.03 6.85
CA THR A 163 -0.89 -9.77 5.42
C THR A 163 -1.87 -10.56 4.53
N LEU A 164 -2.53 -9.83 3.65
CA LEU A 164 -3.46 -10.36 2.71
C LEU A 164 -2.89 -10.14 1.31
N LEU A 165 -2.62 -11.23 0.63
CA LEU A 165 -2.15 -11.20 -0.75
C LEU A 165 -3.38 -11.41 -1.69
N ILE A 166 -3.59 -10.48 -2.61
CA ILE A 166 -4.70 -10.58 -3.53
C ILE A 166 -4.13 -10.68 -4.91
N VAL A 167 -4.62 -11.65 -5.69
CA VAL A 167 -4.18 -11.79 -7.07
C VAL A 167 -5.35 -12.06 -8.00
N GLY A 168 -5.18 -11.73 -9.26
CA GLY A 168 -6.17 -12.05 -10.29
C GLY A 168 -5.97 -13.45 -10.82
N GLY A 169 -7.07 -14.17 -11.01
CA GLY A 169 -7.05 -15.53 -11.49
C GLY A 169 -6.41 -15.75 -12.85
N TYR A 170 -6.48 -14.74 -13.73
CA TYR A 170 -5.84 -14.82 -15.05
C TYR A 170 -4.36 -14.46 -14.98
N ASP A 171 -3.90 -13.87 -13.87
CA ASP A 171 -2.50 -13.42 -13.71
C ASP A 171 -1.69 -14.63 -13.20
N LEU A 172 -1.74 -15.74 -13.95
CA LEU A 172 -1.14 -17.04 -13.51
C LEU A 172 0.33 -17.02 -13.03
N PRO A 173 1.19 -16.19 -13.66
CA PRO A 173 2.55 -16.24 -13.13
C PRO A 173 2.64 -15.76 -11.67
N VAL A 174 2.02 -14.60 -11.42
CA VAL A 174 2.01 -13.93 -10.14
C VAL A 174 1.31 -14.78 -9.06
N ILE A 175 0.38 -15.64 -9.44
CA ILE A 175 -0.34 -16.48 -8.45
C ILE A 175 0.65 -17.43 -7.76
N ALA A 176 1.39 -18.21 -8.53
CA ALA A 176 2.33 -19.15 -7.95
C ALA A 176 3.37 -18.46 -7.08
N ASN A 178 2.88 -15.62 -5.42
CA ASN A 178 2.20 -15.23 -4.17
C ASN A 178 2.04 -16.46 -3.25
N GLU A 179 1.72 -17.60 -3.85
CA GLU A 179 1.62 -18.87 -3.11
C GLU A 179 2.95 -19.17 -2.44
N ASP A 180 4.06 -18.99 -3.16
CA ASP A 180 5.40 -19.18 -2.61
C ASP A 180 5.64 -18.21 -1.45
N ALA A 181 5.33 -16.93 -1.64
CA ALA A 181 5.52 -15.90 -0.61
C ALA A 181 4.72 -16.16 0.67
N LEU A 182 3.50 -16.68 0.51
CA LEU A 182 2.59 -16.97 1.61
C LEU A 182 3.20 -17.96 2.56
N GLU A 183 3.94 -18.92 2.02
CA GLU A 183 4.64 -19.90 2.84
C GLU A 183 5.80 -19.32 3.64
N GLN A 184 6.39 -18.24 3.13
CA GLN A 184 7.52 -17.60 3.79
CA GLN A 184 7.52 -17.60 3.83
C GLN A 184 7.04 -16.69 4.93
N LEU A 185 5.80 -16.20 4.84
CA LEU A 185 5.22 -15.37 5.90
C LEU A 185 5.01 -16.25 7.14
N GLN A 186 5.29 -15.68 8.32
CA GLN A 186 5.12 -16.35 9.59
C GLN A 186 4.03 -15.72 10.46
N THR A 187 3.34 -14.72 9.93
CA THR A 187 2.30 -14.00 10.66
C THR A 187 0.94 -14.48 10.18
N SER A 188 -0.14 -13.91 10.73
CA SER A 188 -1.49 -14.22 10.27
C SER A 188 -1.50 -13.80 8.81
N LYS A 189 -2.09 -14.63 7.96
CA LYS A 189 -1.95 -14.37 6.53
C LYS A 189 -3.03 -15.05 5.71
N ARG A 190 -3.22 -14.53 4.49
CA ARG A 190 -4.17 -15.14 3.54
C ARG A 190 -3.87 -14.72 2.13
N LEU A 191 -4.11 -15.67 1.21
CA LEU A 191 -4.03 -15.43 -0.22
C LEU A 191 -5.42 -15.66 -0.75
N VAL A 192 -5.93 -14.68 -1.48
CA VAL A 192 -7.21 -14.81 -2.12
C VAL A 192 -7.09 -14.42 -3.57
N ILE A 193 -7.84 -15.14 -4.40
CA ILE A 193 -7.82 -14.99 -5.84
C ILE A 193 -9.16 -14.45 -6.34
N ILE A 194 -9.09 -13.42 -7.18
CA ILE A 194 -10.33 -12.88 -7.76
C ILE A 194 -10.46 -13.56 -9.12
N PRO A 195 -11.51 -14.38 -9.27
CA PRO A 195 -11.58 -15.14 -10.51
C PRO A 195 -11.69 -14.30 -11.76
N ARG A 196 -11.01 -14.75 -12.81
CA ARG A 196 -11.07 -14.11 -14.12
C ARG A 196 -10.77 -12.61 -14.11
N ALA A 197 -9.78 -12.23 -13.30
CA ALA A 197 -9.28 -10.87 -13.26
C ALA A 197 -7.83 -10.95 -13.73
N SER A 198 -7.38 -9.95 -14.49
CA SER A 198 -5.98 -9.91 -15.00
C SER A 198 -5.09 -9.02 -14.10
N HIS A 199 -3.85 -8.75 -14.49
CA HIS A 199 -2.92 -8.06 -13.60
C HIS A 199 -3.44 -6.82 -12.84
N LEU A 200 -4.11 -5.90 -13.51
CA LEU A 200 -4.57 -4.66 -12.86
C LEU A 200 -6.06 -4.66 -12.54
N PHE A 201 -6.66 -5.86 -12.54
CA PHE A 201 -8.03 -6.00 -12.11
C PHE A 201 -8.95 -5.07 -12.85
N GLU A 202 -8.79 -5.08 -14.18
CA GLU A 202 -9.56 -4.20 -15.05
C GLU A 202 -10.92 -4.74 -15.46
N GLU A 203 -11.15 -6.03 -15.31
CA GLU A 203 -12.42 -6.62 -15.72
C GLU A 203 -13.57 -6.12 -14.83
N PRO A 204 -14.80 -6.11 -15.34
CA PRO A 204 -15.90 -5.61 -14.52
C PRO A 204 -15.93 -6.26 -13.14
N GLY A 205 -16.05 -5.44 -12.09
CA GLY A 205 -16.20 -5.94 -10.73
C GLY A 205 -14.94 -6.35 -10.03
N ALA A 206 -13.84 -6.56 -10.76
CA ALA A 206 -12.59 -6.99 -10.15
C ALA A 206 -12.05 -6.00 -9.15
N LEU A 207 -11.90 -4.73 -9.53
CA LEU A 207 -11.34 -3.71 -8.64
C LEU A 207 -12.21 -3.49 -7.42
N THR A 208 -13.53 -3.54 -7.62
CA THR A 208 -14.44 -3.42 -6.51
C THR A 208 -14.17 -4.52 -5.47
N ALA A 209 -14.00 -5.77 -5.92
CA ALA A 209 -13.69 -6.88 -5.05
C ALA A 209 -12.39 -6.64 -4.30
N VAL A 210 -11.39 -6.14 -4.98
CA VAL A 210 -10.15 -5.81 -4.31
C VAL A 210 -10.40 -4.84 -3.16
N ALA A 211 -11.15 -3.78 -3.42
CA ALA A 211 -11.45 -2.79 -2.39
C ALA A 211 -12.27 -3.36 -1.24
N GLN A 212 -13.24 -4.20 -1.59
CA GLN A 212 -14.08 -4.78 -0.57
C GLN A 212 -13.21 -5.69 0.35
N LEU A 213 -12.39 -6.53 -0.24
CA LEU A 213 -11.49 -7.41 0.53
C LEU A 213 -10.50 -6.65 1.38
N ALA A 214 -9.97 -5.56 0.82
CA ALA A 214 -9.04 -4.73 1.54
C ALA A 214 -9.75 -4.04 2.71
N SER A 215 -10.93 -3.47 2.48
CA SER A 215 -11.69 -2.86 3.54
C SER A 215 -11.94 -3.83 4.71
N GLU A 216 -12.43 -5.04 4.44
CA GLU A 216 -12.65 -6.06 5.49
C GLU A 216 -11.40 -6.32 6.30
N TRP A 217 -10.28 -6.43 5.60
CA TRP A 217 -9.01 -6.71 6.25
C TRP A 217 -8.55 -5.58 7.16
N PHE A 218 -8.54 -4.36 6.62
CA PHE A 218 -8.07 -3.18 7.37
C PHE A 218 -9.00 -2.88 8.53
N HIS A 220 -10.68 -4.93 10.28
CA HIS A 220 -10.41 -5.88 11.37
C HIS A 220 -9.10 -5.63 12.09
N TYR A 221 -8.03 -5.43 11.32
CA TYR A 221 -6.69 -5.28 11.88
C TYR A 221 -6.24 -3.88 12.29
N LEU A 222 -6.89 -2.81 11.83
CA LEU A 222 -6.44 -1.45 12.21
C LEU A 222 -7.32 -0.83 13.30
N ARG A 223 -7.60 -1.65 14.29
CA ARG A 223 -8.42 -1.28 15.45
C ARG A 223 -7.46 -0.90 16.57
#